data_8B75
#
_entry.id   8B75
#
_cell.length_a   100.131
_cell.length_b   100.131
_cell.length_c   97.889
_cell.angle_alpha   90.000
_cell.angle_beta   90.000
_cell.angle_gamma   120.000
#
_symmetry.space_group_name_H-M   'P 63'
#
loop_
_entity.id
_entity.type
_entity.pdbx_description
1 polymer 'Adenylate cyclase type 10'
2 non-polymer [(3~{R})-4-[2-[2-[[3-(2-azanyl-6-chloranyl-pyrimidin-4-yl)-1-[bis(fluoranyl)methyl]pyrazol-4-yl]methyl]phenoxy]ethyl]morpholin-3-yl]methanol
3 water water
#
_entity_poly.entity_id   1
_entity_poly.type   'polypeptide(L)'
_entity_poly.pdbx_seq_one_letter_code
;MNTPKEEFQDWPIVRIAAHLPDLIVYGHFSPERPFMDYFDGVLMFVDISGFTAMTEKFSSAMYMDRGAEQLVEILNYHIS
AIVEKVLIFGGDILKFAGDALLALWRVERKQLKNIITVVIKCSLEIHGLFETQEWEEGLDIRVKIGLAAGHISMLVFGDE
THSHFLVIGQAVDDVRLAQNMAQMNDVILSPNCWQLCDRSMIEIESVPDQRAVKVNFLKPPPNFNFDEFFTKCTTFMHYY
PSGEHKNLLRLA(CME)TLKPDPELEMSLQKYVMESILKQIDNKQLQGYLSELRPVTIVFVNLMFEDQDKAEEIGPAIQD
AYMHITSVLKIFQGQINKVFMFDKGCSFLCVFGFPGEKVPDELTHALECAMDIFDFCSQVHKIQTVSIGVASGIVFCGIV
GHTVRHEYTVIGQKVNLAARMMMYYPGIVTCDSVTYNGSNLPAYFFKELPKKVMKGVADSGPLYQYWGRTEKVHHHHHH
;
_entity_poly.pdbx_strand_id   A
#
# COMPACT_ATOMS: atom_id res chain seq x y z
N MET A 1 -40.39 27.04 13.81
N MET A 1 -40.37 27.27 13.73
CA MET A 1 -38.95 27.36 13.56
CA MET A 1 -38.89 27.31 13.62
C MET A 1 -38.48 26.54 12.37
N ASN A 2 -37.63 27.16 11.54
CA ASN A 2 -37.04 26.47 10.40
C ASN A 2 -36.15 25.35 10.91
N THR A 3 -35.99 24.31 10.08
CA THR A 3 -35.01 23.25 10.34
C THR A 3 -34.11 23.14 9.11
N PRO A 4 -33.05 23.98 8.96
CA PRO A 4 -32.15 23.88 7.80
C PRO A 4 -31.36 22.56 7.78
N LYS A 5 -31.07 22.10 6.55
CA LYS A 5 -30.25 20.91 6.35
C LYS A 5 -28.85 21.20 6.88
N GLU A 6 -28.22 20.20 7.53
CA GLU A 6 -26.82 20.27 7.90
C GLU A 6 -25.96 20.38 6.63
N GLU A 7 -24.95 21.27 6.69
CA GLU A 7 -24.06 21.50 5.56
C GLU A 7 -23.09 20.32 5.41
N PHE A 8 -22.40 20.28 4.26
CA PHE A 8 -21.36 19.29 3.97
C PHE A 8 -20.31 19.36 5.08
N GLN A 9 -20.13 18.24 5.79
CA GLN A 9 -19.20 18.19 6.91
C GLN A 9 -17.79 17.88 6.40
N ASP A 10 -17.01 18.95 6.14
CA ASP A 10 -15.76 18.85 5.40
CA ASP A 10 -15.76 18.83 5.40
C ASP A 10 -14.59 19.28 6.29
N TRP A 11 -14.63 18.89 7.56
CA TRP A 11 -13.64 19.30 8.55
C TRP A 11 -12.27 18.73 8.22
N PRO A 12 -11.15 19.39 8.64
CA PRO A 12 -9.83 18.77 8.56
C PRO A 12 -9.79 17.32 9.04
N ILE A 13 -10.45 16.98 10.17
CA ILE A 13 -10.33 15.62 10.72
C ILE A 13 -10.93 14.60 9.74
N VAL A 14 -11.98 15.01 9.02
CA VAL A 14 -12.62 14.15 8.03
C VAL A 14 -11.69 13.95 6.84
N ARG A 15 -11.07 15.05 6.41
CA ARG A 15 -10.17 15.03 5.27
C ARG A 15 -8.97 14.16 5.60
N ILE A 16 -8.43 14.29 6.82
CA ILE A 16 -7.34 13.43 7.24
C ILE A 16 -7.76 11.96 7.22
N ALA A 17 -8.95 11.65 7.74
CA ALA A 17 -9.44 10.28 7.84
C ALA A 17 -9.59 9.60 6.47
N ALA A 18 -9.75 10.37 5.38
CA ALA A 18 -9.82 9.75 4.06
C ALA A 18 -8.52 9.00 3.75
N HIS A 19 -7.42 9.39 4.36
CA HIS A 19 -6.09 8.87 4.06
C HIS A 19 -5.77 7.61 4.89
N LEU A 20 -6.70 7.19 5.76
CA LEU A 20 -6.48 6.12 6.72
C LEU A 20 -7.64 5.12 6.68
N PRO A 21 -7.36 3.82 6.99
CA PRO A 21 -8.43 2.82 7.11
C PRO A 21 -9.12 2.98 8.46
N ASP A 22 -10.32 2.39 8.55
CA ASP A 22 -11.05 2.26 9.80
C ASP A 22 -10.22 1.59 10.90
N LEU A 23 -9.37 0.63 10.50
CA LEU A 23 -8.43 -0.04 11.40
C LEU A 23 -7.69 0.98 12.28
N ILE A 24 -7.34 2.14 11.69
CA ILE A 24 -6.59 3.17 12.39
C ILE A 24 -7.57 4.21 12.94
N VAL A 25 -8.51 4.67 12.09
CA VAL A 25 -9.41 5.75 12.45
C VAL A 25 -10.19 5.46 13.73
N TYR A 26 -10.67 4.21 13.89
CA TYR A 26 -11.49 3.82 15.04
C TYR A 26 -10.72 2.91 15.98
N GLY A 27 -9.38 2.88 15.88
CA GLY A 27 -8.56 1.89 16.58
C GLY A 27 -8.30 2.18 18.06
N HIS A 28 -8.26 3.46 18.47
CA HIS A 28 -8.09 3.80 19.89
C HIS A 28 -7.05 2.95 20.66
N PHE A 29 -5.77 2.99 20.30
CA PHE A 29 -4.80 2.17 21.03
C PHE A 29 -3.71 2.98 21.73
N SER A 30 -2.93 2.22 22.50
CA SER A 30 -1.89 2.71 23.40
CA SER A 30 -1.90 2.72 23.40
C SER A 30 -0.92 3.64 22.67
N PRO A 31 -0.20 4.52 23.40
CA PRO A 31 0.80 5.40 22.79
C PRO A 31 2.16 4.72 22.56
N GLU A 32 2.47 3.69 23.37
CA GLU A 32 3.64 2.85 23.22
C GLU A 32 3.88 2.44 21.76
N ARG A 33 5.16 2.46 21.38
CA ARG A 33 5.60 1.98 20.09
C ARG A 33 6.74 1.02 20.35
N PRO A 34 6.70 -0.23 19.82
CA PRO A 34 5.65 -0.68 18.91
C PRO A 34 4.38 -1.02 19.69
N PHE A 35 3.24 -1.02 18.98
CA PHE A 35 1.99 -1.51 19.52
C PHE A 35 1.53 -2.64 18.62
N MET A 36 1.08 -3.75 19.23
CA MET A 36 0.67 -4.91 18.46
CA MET A 36 0.69 -4.92 18.48
C MET A 36 -0.70 -5.37 18.94
N ASP A 37 -1.50 -5.85 18.01
CA ASP A 37 -2.83 -6.38 18.33
C ASP A 37 -3.04 -7.58 17.42
N TYR A 38 -4.02 -8.42 17.76
CA TYR A 38 -4.19 -9.72 17.13
C TYR A 38 -5.69 -9.94 16.88
N PHE A 39 -6.04 -10.47 15.71
CA PHE A 39 -7.44 -10.66 15.33
C PHE A 39 -7.54 -11.59 14.14
N ASP A 40 -8.74 -11.73 13.60
CA ASP A 40 -8.97 -12.56 12.43
C ASP A 40 -9.68 -11.73 11.38
N GLY A 41 -9.51 -12.12 10.11
CA GLY A 41 -10.25 -11.49 9.04
C GLY A 41 -9.96 -12.11 7.68
N VAL A 42 -10.57 -11.49 6.66
CA VAL A 42 -10.34 -11.80 5.25
C VAL A 42 -9.62 -10.65 4.56
N LEU A 43 -8.59 -11.00 3.79
CA LEU A 43 -7.83 -10.02 3.03
C LEU A 43 -8.12 -10.24 1.55
N MET A 44 -8.19 -9.13 0.82
CA MET A 44 -8.33 -9.11 -0.61
C MET A 44 -7.22 -8.24 -1.16
N PHE A 45 -6.39 -8.79 -2.04
CA PHE A 45 -5.36 -8.03 -2.72
C PHE A 45 -5.78 -7.89 -4.16
N VAL A 46 -5.93 -6.63 -4.59
CA VAL A 46 -6.37 -6.31 -5.94
C VAL A 46 -5.13 -5.75 -6.64
N ASP A 47 -4.66 -6.49 -7.66
CA ASP A 47 -3.52 -6.10 -8.47
C ASP A 47 -4.01 -5.21 -9.61
N ILE A 48 -3.53 -3.96 -9.58
CA ILE A 48 -3.92 -2.92 -10.52
C ILE A 48 -2.73 -2.61 -11.44
N SER A 49 -1.75 -3.53 -11.51
CA SER A 49 -0.55 -3.22 -12.25
C SER A 49 -0.82 -3.13 -13.75
N GLY A 50 -1.94 -3.71 -14.25
CA GLY A 50 -2.28 -3.71 -15.67
C GLY A 50 -2.29 -2.32 -16.31
N PHE A 51 -1.26 -1.51 -16.01
CA PHE A 51 -1.16 -0.11 -16.39
C PHE A 51 0.30 0.38 -16.27
N THR A 52 1.25 -0.51 -16.55
CA THR A 52 2.63 -0.08 -16.75
C THR A 52 2.67 0.68 -18.07
N ALA A 53 1.95 0.12 -19.07
CA ALA A 53 1.76 0.73 -20.38
C ALA A 53 1.28 2.17 -20.25
N MET A 54 0.51 2.47 -19.20
CA MET A 54 0.00 3.81 -18.94
C MET A 54 1.13 4.75 -18.47
N THR A 55 1.70 4.53 -17.27
CA THR A 55 2.47 5.57 -16.63
C THR A 55 3.66 6.02 -17.49
N GLU A 56 4.33 5.06 -18.14
CA GLU A 56 5.44 5.35 -19.04
C GLU A 56 5.00 6.32 -20.13
N LYS A 57 3.98 5.87 -20.88
CA LYS A 57 3.31 6.59 -21.95
C LYS A 57 3.03 8.05 -21.58
N PHE A 58 2.47 8.30 -20.38
CA PHE A 58 1.97 9.62 -20.01
C PHE A 58 3.09 10.64 -19.88
N SER A 59 4.36 10.19 -19.84
CA SER A 59 5.50 11.10 -19.93
C SER A 59 5.81 11.50 -21.37
N SER A 60 5.13 10.86 -22.34
CA SER A 60 5.21 11.20 -23.76
C SER A 60 4.80 12.66 -24.04
N ALA A 61 5.35 13.19 -25.14
CA ALA A 61 5.08 14.54 -25.62
C ALA A 61 3.64 14.68 -26.12
N MET A 62 2.95 13.55 -26.40
CA MET A 62 1.60 13.65 -26.91
CA MET A 62 1.59 13.58 -26.89
C MET A 62 0.66 14.19 -25.83
N TYR A 63 1.10 14.13 -24.56
CA TYR A 63 0.34 14.61 -23.42
C TYR A 63 0.58 16.10 -23.12
N MET A 64 1.41 16.74 -23.95
CA MET A 64 1.56 18.19 -23.94
C MET A 64 1.72 18.71 -22.51
N ASP A 65 2.59 18.07 -21.73
CA ASP A 65 2.94 18.54 -20.38
C ASP A 65 1.76 18.48 -19.40
N ARG A 66 0.67 17.74 -19.74
CA ARG A 66 -0.36 17.46 -18.76
C ARG A 66 -0.43 15.95 -18.52
N GLY A 67 0.72 15.27 -18.63
CA GLY A 67 0.83 13.86 -18.36
C GLY A 67 0.34 13.43 -16.98
N ALA A 68 0.86 14.06 -15.92
CA ALA A 68 0.50 13.72 -14.55
C ALA A 68 -0.98 14.03 -14.27
N GLU A 69 -1.49 15.13 -14.82
CA GLU A 69 -2.89 15.51 -14.61
C GLU A 69 -3.83 14.50 -15.25
N GLN A 70 -3.54 14.09 -16.49
CA GLN A 70 -4.33 13.09 -17.18
C GLN A 70 -4.25 11.72 -16.51
N LEU A 71 -3.04 11.34 -16.05
CA LEU A 71 -2.82 10.04 -15.46
CA LEU A 71 -2.81 10.03 -15.45
C LEU A 71 -3.59 9.90 -14.13
N VAL A 72 -3.56 10.94 -13.30
CA VAL A 72 -4.26 10.94 -12.02
C VAL A 72 -5.75 10.77 -12.28
N GLU A 73 -6.25 11.52 -13.27
CA GLU A 73 -7.65 11.48 -13.66
C GLU A 73 -8.08 10.06 -14.05
N ILE A 74 -7.41 9.43 -15.04
CA ILE A 74 -7.88 8.16 -15.57
C ILE A 74 -7.67 7.06 -14.52
N LEU A 75 -6.61 7.16 -13.72
CA LEU A 75 -6.32 6.17 -12.70
C LEU A 75 -7.38 6.23 -11.59
N ASN A 76 -7.66 7.42 -11.09
CA ASN A 76 -8.66 7.56 -10.04
C ASN A 76 -10.05 7.21 -10.54
N TYR A 77 -10.30 7.39 -11.83
CA TYR A 77 -11.59 7.01 -12.39
C TYR A 77 -11.82 5.50 -12.19
N HIS A 78 -10.81 4.67 -12.47
CA HIS A 78 -10.93 3.22 -12.37
C HIS A 78 -10.81 2.72 -10.92
N ILE A 79 -9.83 3.24 -10.19
CA ILE A 79 -9.62 2.88 -8.80
C ILE A 79 -10.83 3.29 -7.96
N SER A 80 -11.43 4.46 -8.21
CA SER A 80 -12.59 4.88 -7.44
C SER A 80 -13.71 3.85 -7.53
N ALA A 81 -13.88 3.23 -8.70
CA ALA A 81 -14.93 2.25 -8.87
C ALA A 81 -14.61 0.98 -8.08
N ILE A 82 -13.33 0.59 -8.00
CA ILE A 82 -12.92 -0.54 -7.19
C ILE A 82 -13.18 -0.23 -5.71
N VAL A 83 -12.85 1.00 -5.30
CA VAL A 83 -12.95 1.40 -3.90
C VAL A 83 -14.41 1.40 -3.48
N GLU A 84 -15.33 1.86 -4.34
CA GLU A 84 -16.74 1.87 -3.96
C GLU A 84 -17.22 0.45 -3.75
N LYS A 85 -16.77 -0.48 -4.60
CA LYS A 85 -17.19 -1.87 -4.49
C LYS A 85 -16.78 -2.44 -3.14
N VAL A 86 -15.50 -2.25 -2.78
CA VAL A 86 -14.99 -2.76 -1.52
C VAL A 86 -15.81 -2.20 -0.36
N LEU A 87 -16.05 -0.87 -0.37
CA LEU A 87 -16.63 -0.20 0.78
C LEU A 87 -18.10 -0.63 0.96
N ILE A 88 -18.81 -0.74 -0.15
CA ILE A 88 -20.21 -1.15 -0.18
C ILE A 88 -20.40 -2.59 0.31
N PHE A 89 -19.43 -3.47 0.01
CA PHE A 89 -19.43 -4.86 0.45
C PHE A 89 -18.86 -4.98 1.86
N GLY A 90 -18.55 -3.82 2.48
CA GLY A 90 -18.22 -3.72 3.90
C GLY A 90 -16.73 -3.87 4.25
N GLY A 91 -15.84 -3.76 3.27
CA GLY A 91 -14.40 -3.86 3.49
C GLY A 91 -13.73 -2.55 3.92
N ASP A 92 -12.52 -2.69 4.42
CA ASP A 92 -11.71 -1.58 4.91
C ASP A 92 -10.46 -1.56 4.03
N ILE A 93 -10.26 -0.49 3.23
CA ILE A 93 -9.05 -0.44 2.41
C ILE A 93 -7.85 -0.02 3.25
N LEU A 94 -6.83 -0.89 3.34
CA LEU A 94 -5.72 -0.71 4.25
C LEU A 94 -4.69 0.26 3.69
N LYS A 95 -4.29 0.03 2.42
CA LYS A 95 -3.26 0.80 1.77
C LYS A 95 -3.39 0.67 0.26
N PHE A 96 -2.90 1.71 -0.43
CA PHE A 96 -2.76 1.73 -1.87
C PHE A 96 -1.28 1.73 -2.22
N ALA A 97 -0.97 1.20 -3.40
CA ALA A 97 0.35 1.30 -3.99
C ALA A 97 0.17 1.54 -5.47
N GLY A 98 1.29 1.75 -6.18
CA GLY A 98 1.29 1.81 -7.63
C GLY A 98 0.77 0.54 -8.30
N ASP A 99 1.01 -0.62 -7.66
CA ASP A 99 0.68 -1.91 -8.26
C ASP A 99 -0.60 -2.54 -7.67
N ALA A 100 -1.30 -1.90 -6.71
CA ALA A 100 -2.28 -2.64 -5.92
C ALA A 100 -3.08 -1.76 -4.94
N LEU A 101 -4.06 -2.42 -4.31
CA LEU A 101 -4.56 -2.06 -2.99
C LEU A 101 -4.89 -3.36 -2.25
N LEU A 102 -4.88 -3.25 -0.92
CA LEU A 102 -5.12 -4.33 0.00
C LEU A 102 -6.29 -3.94 0.88
N ALA A 103 -7.29 -4.83 1.00
CA ALA A 103 -8.50 -4.56 1.79
C ALA A 103 -8.74 -5.67 2.81
N LEU A 104 -9.34 -5.28 3.94
CA LEU A 104 -9.60 -6.11 5.10
C LEU A 104 -11.09 -6.10 5.47
N TRP A 105 -11.59 -7.29 5.74
CA TRP A 105 -12.82 -7.53 6.48
C TRP A 105 -12.44 -8.20 7.80
N ARG A 106 -12.43 -7.40 8.86
CA ARG A 106 -12.12 -7.92 10.19
C ARG A 106 -13.41 -8.48 10.79
N VAL A 107 -13.38 -9.75 11.21
CA VAL A 107 -14.52 -10.37 11.88
C VAL A 107 -14.09 -11.37 12.93
N GLU A 108 -15.05 -11.69 13.83
CA GLU A 108 -14.90 -12.80 14.75
C GLU A 108 -14.78 -14.09 13.93
N ARG A 109 -14.05 -15.06 14.51
CA ARG A 109 -13.63 -16.29 13.85
CA ARG A 109 -13.63 -16.28 13.82
C ARG A 109 -14.82 -17.05 13.27
N LYS A 110 -15.92 -17.13 14.03
CA LYS A 110 -17.11 -17.87 13.64
C LYS A 110 -17.68 -17.36 12.32
N GLN A 111 -17.47 -16.07 12.04
CA GLN A 111 -18.07 -15.45 10.87
C GLN A 111 -17.14 -15.51 9.64
N LEU A 112 -15.96 -16.12 9.76
CA LEU A 112 -15.01 -16.09 8.64
C LEU A 112 -15.65 -16.73 7.42
N LYS A 113 -16.34 -17.86 7.65
CA LYS A 113 -16.90 -18.62 6.54
C LYS A 113 -17.81 -17.75 5.71
N ASN A 114 -18.74 -17.05 6.37
CA ASN A 114 -19.76 -16.30 5.66
C ASN A 114 -19.19 -15.05 4.99
N ILE A 115 -18.22 -14.40 5.64
CA ILE A 115 -17.60 -13.19 5.08
C ILE A 115 -16.78 -13.54 3.84
N ILE A 116 -16.14 -14.72 3.80
CA ILE A 116 -15.44 -15.15 2.59
C ILE A 116 -16.39 -15.12 1.39
N THR A 117 -17.64 -15.54 1.63
CA THR A 117 -18.63 -15.55 0.57
C THR A 117 -18.93 -14.11 0.12
N VAL A 118 -19.04 -13.18 1.07
CA VAL A 118 -19.25 -11.77 0.77
C VAL A 118 -18.08 -11.27 -0.10
N VAL A 119 -16.86 -11.63 0.31
CA VAL A 119 -15.67 -11.10 -0.32
C VAL A 119 -15.48 -11.70 -1.72
N ILE A 120 -15.89 -12.97 -1.91
CA ILE A 120 -15.81 -13.58 -3.23
C ILE A 120 -16.77 -12.88 -4.18
N LYS A 121 -17.99 -12.62 -3.71
CA LYS A 121 -18.97 -11.92 -4.51
C LYS A 121 -18.47 -10.52 -4.91
N CYS A 122 -17.92 -9.79 -3.93
CA CYS A 122 -17.26 -8.52 -4.19
C CYS A 122 -16.20 -8.65 -5.30
N SER A 123 -15.27 -9.61 -5.16
CA SER A 123 -14.23 -9.84 -6.15
C SER A 123 -14.79 -10.03 -7.55
N LEU A 124 -15.81 -10.88 -7.69
CA LEU A 124 -16.41 -11.15 -8.99
C LEU A 124 -17.07 -9.90 -9.56
N GLU A 125 -17.68 -9.07 -8.72
CA GLU A 125 -18.25 -7.80 -9.15
C GLU A 125 -17.14 -6.82 -9.55
N ILE A 126 -15.96 -6.90 -8.92
CA ILE A 126 -14.86 -6.04 -9.33
C ILE A 126 -14.40 -6.42 -10.75
N HIS A 127 -14.18 -7.72 -10.99
CA HIS A 127 -13.85 -8.18 -12.33
C HIS A 127 -14.90 -7.71 -13.34
N GLY A 128 -16.16 -7.68 -12.91
CA GLY A 128 -17.29 -7.26 -13.72
C GLY A 128 -17.17 -5.81 -14.23
N LEU A 129 -16.52 -4.94 -13.46
CA LEU A 129 -16.37 -3.54 -13.84
C LEU A 129 -15.58 -3.43 -15.13
N PHE A 130 -14.69 -4.39 -15.39
CA PHE A 130 -13.61 -4.22 -16.35
C PHE A 130 -13.75 -5.18 -17.53
N GLU A 131 -14.94 -5.73 -17.77
CA GLU A 131 -15.12 -6.84 -18.70
C GLU A 131 -14.94 -6.39 -20.15
N THR A 132 -15.33 -5.15 -20.46
CA THR A 132 -15.10 -4.61 -21.80
C THR A 132 -14.59 -3.19 -21.65
N GLN A 133 -13.37 -3.08 -21.10
CA GLN A 133 -12.80 -1.80 -20.68
C GLN A 133 -11.33 -1.76 -21.10
N GLU A 134 -10.84 -0.54 -21.39
CA GLU A 134 -9.47 -0.35 -21.86
C GLU A 134 -9.02 1.09 -21.63
N TRP A 135 -7.75 1.25 -21.25
CA TRP A 135 -7.16 2.52 -20.83
C TRP A 135 -7.21 3.53 -21.98
N GLU A 136 -6.90 3.03 -23.18
CA GLU A 136 -7.12 3.73 -24.45
C GLU A 136 -7.75 2.72 -25.41
N GLU A 137 -7.49 2.85 -26.72
CA GLU A 137 -7.97 1.87 -27.68
C GLU A 137 -6.99 0.70 -27.75
N GLY A 138 -7.48 -0.52 -27.46
CA GLY A 138 -6.75 -1.74 -27.74
C GLY A 138 -5.66 -2.06 -26.70
N LEU A 139 -5.69 -1.38 -25.55
CA LEU A 139 -4.81 -1.72 -24.43
C LEU A 139 -5.66 -1.85 -23.16
N ASP A 140 -5.75 -3.09 -22.64
CA ASP A 140 -6.81 -3.51 -21.75
C ASP A 140 -6.41 -3.39 -20.28
N ILE A 141 -7.37 -2.89 -19.49
CA ILE A 141 -7.27 -2.79 -18.05
C ILE A 141 -8.21 -3.82 -17.42
N ARG A 142 -7.58 -4.80 -16.75
CA ARG A 142 -8.22 -5.85 -15.97
C ARG A 142 -7.49 -5.91 -14.62
N VAL A 143 -8.06 -6.62 -13.65
CA VAL A 143 -7.36 -6.84 -12.39
C VAL A 143 -7.17 -8.33 -12.13
N LYS A 144 -6.31 -8.63 -11.13
CA LYS A 144 -6.13 -9.95 -10.56
C LYS A 144 -6.39 -9.87 -9.04
N ILE A 145 -7.07 -10.86 -8.47
CA ILE A 145 -7.45 -10.81 -7.06
C ILE A 145 -6.96 -12.06 -6.34
N GLY A 146 -6.24 -11.84 -5.23
CA GLY A 146 -5.92 -12.89 -4.28
C GLY A 146 -6.67 -12.64 -2.98
N LEU A 147 -7.23 -13.72 -2.39
CA LEU A 147 -7.99 -13.68 -1.16
C LEU A 147 -7.36 -14.65 -0.15
N ALA A 148 -7.39 -14.24 1.11
CA ALA A 148 -6.89 -15.08 2.18
C ALA A 148 -7.77 -14.83 3.39
N ALA A 149 -7.70 -15.73 4.35
CA ALA A 149 -8.48 -15.64 5.57
C ALA A 149 -7.67 -16.28 6.68
N GLY A 150 -7.79 -15.73 7.89
CA GLY A 150 -7.20 -16.34 9.07
C GLY A 150 -6.68 -15.29 10.04
N HIS A 151 -5.65 -15.68 10.79
CA HIS A 151 -5.07 -14.86 11.84
C HIS A 151 -4.29 -13.69 11.23
N ILE A 152 -4.43 -12.52 11.86
CA ILE A 152 -3.79 -11.28 11.46
C ILE A 152 -3.31 -10.58 12.71
N SER A 153 -2.05 -10.17 12.70
CA SER A 153 -1.49 -9.26 13.68
C SER A 153 -1.36 -7.88 13.04
N MET A 154 -1.62 -6.85 13.82
CA MET A 154 -1.40 -5.47 13.40
CA MET A 154 -1.41 -5.48 13.41
C MET A 154 -0.24 -4.92 14.20
N LEU A 155 0.63 -4.16 13.52
CA LEU A 155 1.75 -3.47 14.14
C LEU A 155 1.63 -1.97 13.87
N VAL A 156 1.75 -1.16 14.94
CA VAL A 156 1.89 0.27 14.80
C VAL A 156 3.23 0.66 15.38
N PHE A 157 4.04 1.35 14.59
CA PHE A 157 5.36 1.77 15.02
C PHE A 157 5.55 3.23 14.61
N GLY A 158 6.59 3.87 15.17
CA GLY A 158 6.80 5.27 14.93
C GLY A 158 7.34 6.00 16.16
N ASP A 159 7.37 7.32 16.05
CA ASP A 159 7.94 8.20 17.04
C ASP A 159 6.86 9.19 17.45
N GLU A 160 7.28 10.28 18.07
CA GLU A 160 6.37 11.21 18.72
CA GLU A 160 6.32 11.17 18.72
C GLU A 160 5.61 12.03 17.68
N THR A 161 6.10 12.06 16.42
CA THR A 161 5.47 12.89 15.41
CA THR A 161 5.56 12.90 15.37
C THR A 161 4.95 12.08 14.23
N HIS A 162 5.44 10.85 14.02
CA HIS A 162 5.06 10.05 12.87
C HIS A 162 4.63 8.65 13.30
N SER A 163 3.59 8.11 12.66
CA SER A 163 3.14 6.75 12.91
C SER A 163 3.00 6.00 11.59
N HIS A 164 3.17 4.67 11.66
CA HIS A 164 3.11 3.80 10.50
C HIS A 164 2.45 2.52 10.97
N PHE A 165 1.72 1.82 10.08
CA PHE A 165 1.17 0.53 10.47
C PHE A 165 1.34 -0.51 9.36
N LEU A 166 1.24 -1.78 9.77
CA LEU A 166 1.31 -2.95 8.94
C LEU A 166 0.37 -4.01 9.50
N VAL A 167 -0.08 -4.92 8.64
CA VAL A 167 -0.54 -6.22 9.10
C VAL A 167 0.51 -7.25 8.74
N ILE A 168 0.63 -8.25 9.62
CA ILE A 168 1.49 -9.39 9.36
C ILE A 168 0.80 -10.70 9.80
N GLY A 169 1.44 -11.82 9.43
CA GLY A 169 1.05 -13.13 9.92
C GLY A 169 0.45 -13.99 8.82
N GLN A 170 -0.35 -14.99 9.24
CA GLN A 170 -0.84 -16.09 8.42
C GLN A 170 -1.55 -15.59 7.17
N ALA A 171 -2.62 -14.81 7.36
CA ALA A 171 -3.45 -14.38 6.25
C ALA A 171 -2.68 -13.47 5.30
N VAL A 172 -1.73 -12.68 5.84
CA VAL A 172 -0.93 -11.76 5.00
C VAL A 172 0.01 -12.55 4.10
N ASP A 173 0.74 -13.51 4.66
CA ASP A 173 1.63 -14.36 3.87
C ASP A 173 0.80 -15.15 2.85
N ASP A 174 -0.36 -15.67 3.26
CA ASP A 174 -1.26 -16.39 2.37
C ASP A 174 -1.75 -15.52 1.21
N VAL A 175 -2.15 -14.27 1.49
CA VAL A 175 -2.68 -13.45 0.41
C VAL A 175 -1.55 -13.13 -0.58
N ARG A 176 -0.32 -13.07 -0.09
CA ARG A 176 0.83 -12.95 -0.98
C ARG A 176 0.92 -14.18 -1.90
N LEU A 177 0.82 -15.39 -1.35
CA LEU A 177 0.85 -16.60 -2.17
C LEU A 177 -0.26 -16.57 -3.22
N ALA A 178 -1.48 -16.17 -2.80
CA ALA A 178 -2.63 -16.14 -3.70
C ALA A 178 -2.44 -15.13 -4.84
N GLN A 179 -1.95 -13.92 -4.52
CA GLN A 179 -1.82 -12.89 -5.55
C GLN A 179 -0.66 -13.24 -6.48
N ASN A 180 0.37 -13.95 -5.98
CA ASN A 180 1.56 -14.28 -6.76
CA ASN A 180 1.54 -14.17 -6.81
C ASN A 180 1.19 -15.07 -8.00
N MET A 181 0.23 -16.00 -7.85
CA MET A 181 -0.17 -16.89 -8.94
C MET A 181 -1.43 -16.41 -9.68
N ALA A 182 -2.13 -15.39 -9.16
CA ALA A 182 -3.31 -14.89 -9.86
C ALA A 182 -2.92 -14.29 -11.20
N GLN A 183 -3.75 -14.60 -12.22
CA GLN A 183 -3.70 -14.06 -13.57
C GLN A 183 -4.82 -13.04 -13.77
N MET A 184 -4.81 -12.39 -14.93
CA MET A 184 -5.88 -11.49 -15.28
C MET A 184 -7.21 -12.23 -15.18
N ASN A 185 -8.17 -11.58 -14.51
CA ASN A 185 -9.55 -12.02 -14.33
C ASN A 185 -9.67 -13.13 -13.29
N ASP A 186 -8.57 -13.55 -12.65
CA ASP A 186 -8.65 -14.59 -11.62
C ASP A 186 -9.12 -14.05 -10.28
N VAL A 187 -9.78 -14.92 -9.51
CA VAL A 187 -9.95 -14.82 -8.07
C VAL A 187 -9.37 -16.10 -7.48
N ILE A 188 -8.19 -15.98 -6.83
CA ILE A 188 -7.47 -17.08 -6.21
C ILE A 188 -7.71 -17.02 -4.70
N LEU A 189 -8.05 -18.19 -4.13
CA LEU A 189 -8.21 -18.40 -2.70
C LEU A 189 -6.93 -19.03 -2.16
N SER A 190 -6.41 -18.49 -1.06
CA SER A 190 -5.31 -19.09 -0.34
C SER A 190 -5.76 -20.48 0.14
N PRO A 191 -4.81 -21.38 0.50
CA PRO A 191 -5.18 -22.69 1.06
C PRO A 191 -6.07 -22.55 2.30
N ASN A 192 -5.75 -21.63 3.23
CA ASN A 192 -6.54 -21.49 4.44
C ASN A 192 -7.93 -20.92 4.12
N CYS A 193 -8.01 -19.96 3.19
CA CYS A 193 -9.29 -19.44 2.71
C CYS A 193 -10.13 -20.59 2.15
N TRP A 194 -9.54 -21.44 1.31
CA TRP A 194 -10.25 -22.60 0.76
C TRP A 194 -10.70 -23.55 1.88
N GLN A 195 -9.88 -23.74 2.93
CA GLN A 195 -10.23 -24.58 4.10
C GLN A 195 -11.41 -24.04 4.91
N LEU A 196 -11.56 -22.71 4.98
CA LEU A 196 -12.51 -22.05 5.88
C LEU A 196 -13.80 -21.72 5.16
N CYS A 197 -13.81 -21.75 3.82
CA CYS A 197 -14.93 -21.23 3.05
C CYS A 197 -16.10 -22.21 2.95
N ASP A 198 -17.24 -21.66 2.48
CA ASP A 198 -18.45 -22.42 2.24
C ASP A 198 -18.36 -23.06 0.85
N ARG A 199 -17.97 -24.34 0.83
CA ARG A 199 -17.70 -25.05 -0.41
C ARG A 199 -18.96 -25.32 -1.23
N SER A 200 -20.15 -25.19 -0.62
CA SER A 200 -21.41 -25.39 -1.34
C SER A 200 -21.76 -24.19 -2.21
N MET A 201 -21.08 -23.05 -2.00
CA MET A 201 -21.36 -21.82 -2.72
C MET A 201 -20.57 -21.75 -4.03
N ILE A 202 -19.37 -22.36 -4.09
CA ILE A 202 -18.42 -22.04 -5.14
C ILE A 202 -17.91 -23.32 -5.80
N GLU A 203 -17.64 -23.22 -7.11
CA GLU A 203 -16.89 -24.24 -7.85
C GLU A 203 -15.50 -23.69 -8.20
N ILE A 204 -14.47 -24.47 -7.84
CA ILE A 204 -13.07 -24.12 -8.01
C ILE A 204 -12.40 -25.11 -8.96
N GLU A 205 -11.20 -24.74 -9.43
CA GLU A 205 -10.26 -25.68 -10.02
C GLU A 205 -8.94 -25.58 -9.25
N SER A 206 -8.21 -26.69 -9.22
CA SER A 206 -6.88 -26.70 -8.63
C SER A 206 -5.92 -25.91 -9.53
N VAL A 207 -4.82 -25.45 -8.92
CA VAL A 207 -3.76 -24.77 -9.64
C VAL A 207 -2.52 -25.66 -9.53
N PRO A 208 -2.01 -26.22 -10.66
CA PRO A 208 -0.94 -27.22 -10.61
C PRO A 208 0.19 -26.91 -9.63
N ASP A 209 0.59 -27.93 -8.84
CA ASP A 209 1.69 -27.83 -7.89
C ASP A 209 1.37 -26.78 -6.82
N GLN A 210 0.09 -26.65 -6.44
CA GLN A 210 -0.37 -25.62 -5.53
C GLN A 210 -1.58 -26.08 -4.73
N ARG A 211 -1.60 -25.74 -3.43
CA ARG A 211 -2.76 -25.99 -2.57
C ARG A 211 -3.72 -24.78 -2.59
N ALA A 212 -3.31 -23.68 -3.24
CA ALA A 212 -4.17 -22.54 -3.50
C ALA A 212 -5.06 -22.82 -4.70
N VAL A 213 -6.25 -22.18 -4.73
CA VAL A 213 -7.35 -22.61 -5.57
C VAL A 213 -7.92 -21.42 -6.33
N LYS A 214 -8.43 -21.66 -7.54
CA LYS A 214 -9.03 -20.63 -8.39
C LYS A 214 -10.56 -20.77 -8.38
N VAL A 215 -11.28 -19.64 -8.29
CA VAL A 215 -12.74 -19.66 -8.30
C VAL A 215 -13.20 -19.63 -9.75
N ASN A 216 -13.97 -20.66 -10.15
CA ASN A 216 -14.61 -20.64 -11.46
C ASN A 216 -15.97 -19.95 -11.33
N PHE A 217 -16.76 -20.34 -10.33
CA PHE A 217 -18.15 -19.89 -10.24
C PHE A 217 -18.58 -19.81 -8.79
N LEU A 218 -19.45 -18.83 -8.53
CA LEU A 218 -20.23 -18.74 -7.31
C LEU A 218 -21.64 -19.20 -7.66
N LYS A 219 -21.93 -20.49 -7.40
CA LYS A 219 -23.24 -21.06 -7.63
C LYS A 219 -23.91 -21.27 -6.27
N PRO A 220 -24.73 -20.28 -5.84
CA PRO A 220 -25.47 -20.39 -4.58
C PRO A 220 -26.56 -21.45 -4.65
N PRO A 221 -26.99 -22.07 -3.52
CA PRO A 221 -28.15 -22.95 -3.52
C PRO A 221 -29.43 -22.29 -4.01
N PRO A 222 -30.41 -23.11 -4.48
CA PRO A 222 -31.75 -22.66 -4.87
C PRO A 222 -32.39 -21.49 -4.13
N ASN A 223 -32.35 -21.55 -2.80
CA ASN A 223 -33.13 -20.64 -1.96
C ASN A 223 -32.31 -19.43 -1.49
N PHE A 224 -31.06 -19.29 -1.99
CA PHE A 224 -30.14 -18.27 -1.51
C PHE A 224 -30.49 -16.90 -2.06
N ASN A 225 -30.49 -15.89 -1.18
CA ASN A 225 -30.74 -14.50 -1.56
C ASN A 225 -29.58 -13.64 -1.03
N PHE A 226 -28.70 -13.16 -1.91
CA PHE A 226 -27.46 -12.54 -1.46
C PHE A 226 -27.73 -11.34 -0.56
N ASP A 227 -28.76 -10.54 -0.87
CA ASP A 227 -29.05 -9.30 -0.17
C ASP A 227 -29.50 -9.61 1.26
N GLU A 228 -30.30 -10.65 1.43
CA GLU A 228 -30.67 -11.11 2.76
C GLU A 228 -29.45 -11.67 3.49
N PHE A 229 -28.59 -12.39 2.77
CA PHE A 229 -27.40 -12.98 3.36
C PHE A 229 -26.43 -11.87 3.79
N PHE A 230 -26.30 -10.85 2.95
CA PHE A 230 -25.41 -9.74 3.23
C PHE A 230 -25.90 -9.00 4.47
N THR A 231 -27.22 -8.78 4.56
CA THR A 231 -27.80 -8.07 5.69
C THR A 231 -27.48 -8.80 7.00
N LYS A 232 -27.56 -10.14 6.99
CA LYS A 232 -27.23 -10.90 8.18
CA LYS A 232 -27.22 -10.93 8.16
C LYS A 232 -25.75 -10.72 8.51
N CYS A 233 -24.89 -10.75 7.48
CA CYS A 233 -23.47 -10.53 7.67
C CYS A 233 -23.17 -9.16 8.32
N THR A 234 -23.95 -8.11 8.01
CA THR A 234 -23.66 -6.78 8.54
C THR A 234 -23.82 -6.68 10.07
N THR A 235 -24.52 -7.64 10.68
CA THR A 235 -24.63 -7.73 12.12
C THR A 235 -23.25 -7.74 12.76
N PHE A 236 -22.30 -8.37 12.06
CA PHE A 236 -20.94 -8.59 12.53
C PHE A 236 -19.99 -7.49 12.03
N MET A 237 -20.49 -6.51 11.27
CA MET A 237 -19.66 -5.46 10.70
C MET A 237 -19.84 -4.15 11.50
N HIS A 238 -18.84 -3.83 12.32
CA HIS A 238 -18.94 -2.79 13.33
C HIS A 238 -19.29 -1.42 12.76
N TYR A 239 -18.69 -1.03 11.61
CA TYR A 239 -18.76 0.35 11.15
CA TYR A 239 -18.76 0.34 11.15
C TYR A 239 -19.45 0.45 9.79
N TYR A 240 -20.31 -0.53 9.43
CA TYR A 240 -21.00 -0.46 8.15
C TYR A 240 -21.99 0.70 8.19
N PRO A 241 -21.92 1.72 7.30
CA PRO A 241 -22.85 2.85 7.37
C PRO A 241 -24.30 2.37 7.37
N SER A 242 -25.09 2.87 8.33
CA SER A 242 -26.42 2.33 8.54
C SER A 242 -27.35 3.41 9.06
N GLY A 243 -28.67 3.14 9.00
CA GLY A 243 -29.65 4.04 9.56
C GLY A 243 -29.62 5.38 8.84
N GLU A 244 -29.45 6.46 9.61
CA GLU A 244 -29.42 7.78 8.99
C GLU A 244 -28.16 7.95 8.15
N HIS A 245 -27.15 7.08 8.30
CA HIS A 245 -25.90 7.20 7.55
C HIS A 245 -25.75 6.16 6.44
N LYS A 246 -26.83 5.49 6.05
CA LYS A 246 -26.74 4.43 5.02
C LYS A 246 -26.49 4.98 3.61
N ASN A 247 -26.54 6.30 3.42
CA ASN A 247 -26.24 6.91 2.12
CA ASN A 247 -26.23 6.85 2.09
C ASN A 247 -24.74 7.22 1.99
N LEU A 248 -23.95 6.93 3.05
CA LEU A 248 -22.52 7.29 3.07
C LEU A 248 -21.68 6.05 2.74
N LEU A 249 -20.49 6.27 2.14
CA LEU A 249 -19.57 5.18 1.83
C LEU A 249 -18.74 4.78 3.05
N ARG A 250 -18.52 5.73 3.95
CA ARG A 250 -17.76 5.48 5.16
C ARG A 250 -18.40 6.25 6.31
N LEU A 251 -18.41 5.58 7.48
CA LEU A 251 -18.76 6.22 8.72
C LEU A 251 -17.77 7.33 9.05
N ALA A 252 -16.50 7.17 8.61
CA ALA A 252 -15.47 8.17 8.79
C ALA A 252 -15.86 9.54 8.22
N THR A 254 -18.43 11.01 8.92
CA THR A 254 -19.22 11.65 9.97
C THR A 254 -18.36 12.07 11.15
N LEU A 255 -17.02 11.88 11.10
CA LEU A 255 -16.13 12.28 12.18
C LEU A 255 -16.32 13.76 12.52
N LYS A 256 -16.36 14.07 13.81
CA LYS A 256 -16.48 15.47 14.20
C LYS A 256 -15.14 15.90 14.79
N PRO A 257 -14.83 17.21 14.74
CA PRO A 257 -13.63 17.75 15.37
C PRO A 257 -13.40 17.20 16.77
N ASP A 258 -12.14 16.85 17.02
CA ASP A 258 -11.69 16.19 18.23
C ASP A 258 -10.18 16.33 18.22
N PRO A 259 -9.61 17.37 18.86
CA PRO A 259 -8.17 17.63 18.76
C PRO A 259 -7.26 16.46 19.12
N GLU A 260 -7.63 15.66 20.13
CA GLU A 260 -6.81 14.54 20.56
CA GLU A 260 -6.85 14.51 20.58
C GLU A 260 -6.82 13.46 19.48
N LEU A 261 -7.98 13.20 18.85
CA LEU A 261 -8.03 12.22 17.78
C LEU A 261 -7.24 12.74 16.56
N GLU A 262 -7.42 14.02 16.20
CA GLU A 262 -6.75 14.55 15.03
C GLU A 262 -5.23 14.53 15.21
N MET A 263 -4.76 14.84 16.43
CA MET A 263 -3.33 14.78 16.73
C MET A 263 -2.77 13.38 16.44
N SER A 264 -3.49 12.35 16.86
CA SER A 264 -3.10 10.97 16.60
CA SER A 264 -3.13 10.97 16.61
C SER A 264 -3.13 10.62 15.11
N LEU A 265 -4.22 10.96 14.40
CA LEU A 265 -4.36 10.60 13.00
C LEU A 265 -3.40 11.34 12.08
N GLN A 266 -3.09 12.62 12.38
CA GLN A 266 -2.27 13.40 11.48
C GLN A 266 -0.85 12.83 11.37
N LYS A 267 -0.42 12.05 12.36
CA LYS A 267 0.93 11.49 12.39
C LYS A 267 1.14 10.42 11.31
N TYR A 268 0.06 9.88 10.75
CA TYR A 268 0.19 8.91 9.68
C TYR A 268 0.30 9.60 8.31
N VAL A 269 0.13 10.92 8.26
CA VAL A 269 -0.04 11.64 7.01
C VAL A 269 1.12 12.61 6.82
N MET A 270 1.59 12.70 5.57
CA MET A 270 2.72 13.53 5.23
CA MET A 270 2.70 13.54 5.16
C MET A 270 2.33 15.01 5.35
N GLU A 271 3.29 15.83 5.79
CA GLU A 271 3.08 17.25 6.08
C GLU A 271 2.58 18.00 4.85
N SER A 272 3.07 17.65 3.64
CA SER A 272 2.63 18.30 2.40
C SER A 272 1.14 18.04 2.12
N ILE A 273 0.65 16.86 2.53
CA ILE A 273 -0.75 16.49 2.37
CA ILE A 273 -0.76 16.51 2.36
C ILE A 273 -1.60 17.30 3.37
N LEU A 274 -1.11 17.43 4.60
CA LEU A 274 -1.76 18.22 5.64
C LEU A 274 -1.91 19.68 5.19
N LYS A 275 -0.91 20.20 4.48
CA LYS A 275 -0.96 21.58 3.98
C LYS A 275 -2.14 21.79 3.04
N GLN A 276 -2.32 20.85 2.09
CA GLN A 276 -3.45 20.84 1.17
CA GLN A 276 -3.45 20.86 1.18
C GLN A 276 -4.76 20.68 1.93
N ILE A 277 -4.79 19.76 2.90
CA ILE A 277 -5.97 19.56 3.72
C ILE A 277 -6.38 20.85 4.43
N ASP A 278 -5.40 21.64 4.88
CA ASP A 278 -5.67 22.89 5.60
C ASP A 278 -5.89 24.07 4.64
N ASN A 279 -6.03 23.76 3.36
CA ASN A 279 -6.24 24.77 2.33
C ASN A 279 -5.14 25.81 2.34
N LYS A 280 -3.91 25.36 2.48
CA LYS A 280 -2.77 26.26 2.46
C LYS A 280 -1.88 25.94 1.25
N GLN A 281 -2.37 25.05 0.39
CA GLN A 281 -1.72 24.77 -0.88
CA GLN A 281 -1.69 24.59 -0.81
C GLN A 281 -2.80 24.25 -1.80
N LEU A 282 -2.63 24.58 -3.10
CA LEU A 282 -3.57 24.25 -4.17
C LEU A 282 -3.79 22.74 -4.22
N GLN A 283 -5.02 22.34 -4.57
CA GLN A 283 -5.46 20.95 -4.38
C GLN A 283 -4.83 20.07 -5.44
N GLY A 284 -4.22 20.65 -6.47
CA GLY A 284 -3.63 19.88 -7.56
C GLY A 284 -2.11 19.89 -7.55
N TYR A 285 -1.51 20.56 -6.55
CA TYR A 285 -0.08 20.79 -6.47
C TYR A 285 0.73 19.50 -6.38
N LEU A 286 0.16 18.40 -5.83
CA LEU A 286 0.95 17.20 -5.57
C LEU A 286 0.85 16.20 -6.72
N SER A 287 -0.02 16.45 -7.71
CA SER A 287 -0.07 15.61 -8.90
C SER A 287 1.04 16.05 -9.86
N GLU A 288 2.08 15.23 -10.01
CA GLU A 288 3.23 15.64 -10.82
C GLU A 288 4.05 14.45 -11.32
N LEU A 289 4.68 14.62 -12.48
CA LEU A 289 5.79 13.78 -12.88
C LEU A 289 7.06 14.47 -12.42
N ARG A 290 7.74 13.82 -11.47
CA ARG A 290 8.82 14.44 -10.71
C ARG A 290 10.05 13.53 -10.84
N PRO A 291 11.27 14.08 -11.10
CA PRO A 291 12.50 13.30 -10.99
C PRO A 291 12.82 13.07 -9.52
N VAL A 292 12.97 11.80 -9.13
CA VAL A 292 13.26 11.44 -7.75
C VAL A 292 14.30 10.33 -7.72
N THR A 293 14.82 10.05 -6.52
CA THR A 293 15.58 8.85 -6.22
C THR A 293 14.76 8.05 -5.21
N ILE A 294 14.46 6.81 -5.60
CA ILE A 294 13.78 5.82 -4.79
C ILE A 294 14.86 5.02 -4.07
N VAL A 295 14.76 5.01 -2.73
CA VAL A 295 15.58 4.13 -1.92
C VAL A 295 14.65 3.12 -1.25
N PHE A 296 14.71 1.85 -1.71
CA PHE A 296 13.77 0.84 -1.28
C PHE A 296 14.50 -0.11 -0.33
N VAL A 297 14.14 -0.04 0.95
CA VAL A 297 14.86 -0.74 2.01
C VAL A 297 14.07 -1.99 2.43
N ASN A 298 14.69 -3.18 2.38
CA ASN A 298 14.09 -4.44 2.78
C ASN A 298 14.82 -5.00 4.01
N LEU A 299 14.05 -5.23 5.08
CA LEU A 299 14.50 -5.86 6.32
C LEU A 299 13.90 -7.26 6.39
N MET A 300 14.74 -8.30 6.25
CA MET A 300 14.30 -9.69 6.32
C MET A 300 14.44 -10.30 7.72
N PHE A 301 13.45 -11.14 8.08
CA PHE A 301 13.43 -11.85 9.35
C PHE A 301 13.30 -13.35 9.08
N GLU A 302 13.69 -14.19 10.05
CA GLU A 302 13.65 -15.62 9.89
C GLU A 302 12.19 -16.10 9.97
N ASP A 303 11.89 -17.25 9.34
CA ASP A 303 10.58 -17.89 9.40
C ASP A 303 10.08 -18.01 10.85
N GLN A 304 11.01 -18.31 11.77
CA GLN A 304 10.73 -18.48 13.19
C GLN A 304 10.08 -17.23 13.80
N ASP A 305 10.32 -16.05 13.21
CA ASP A 305 9.98 -14.78 13.85
C ASP A 305 8.48 -14.50 13.78
N LYS A 306 7.87 -14.27 14.96
CA LYS A 306 6.49 -13.81 15.08
C LYS A 306 6.46 -12.30 15.38
N ALA A 307 5.25 -11.75 15.40
CA ALA A 307 4.98 -10.34 15.64
C ALA A 307 5.75 -9.77 16.83
N GLU A 308 5.86 -10.52 17.94
CA GLU A 308 6.39 -9.94 19.18
C GLU A 308 7.91 -9.77 19.07
N GLU A 309 8.56 -10.45 18.12
CA GLU A 309 9.98 -10.24 17.84
C GLU A 309 10.21 -9.23 16.72
N ILE A 310 9.36 -9.31 15.69
CA ILE A 310 9.42 -8.42 14.54
C ILE A 310 9.19 -6.98 14.99
N GLY A 311 8.23 -6.75 15.89
CA GLY A 311 7.78 -5.41 16.21
C GLY A 311 8.89 -4.51 16.75
N PRO A 312 9.59 -4.90 17.85
CA PRO A 312 10.71 -4.11 18.35
C PRO A 312 11.81 -3.84 17.32
N ALA A 313 12.08 -4.83 16.47
CA ALA A 313 13.13 -4.71 15.47
C ALA A 313 12.76 -3.68 14.39
N ILE A 314 11.52 -3.71 13.90
CA ILE A 314 11.08 -2.71 12.94
C ILE A 314 11.12 -1.32 13.57
N GLN A 315 10.70 -1.20 14.84
CA GLN A 315 10.71 0.06 15.57
C GLN A 315 12.13 0.60 15.65
N ASP A 316 13.10 -0.26 16.03
CA ASP A 316 14.50 0.16 16.17
C ASP A 316 15.05 0.62 14.82
N ALA A 317 14.78 -0.17 13.77
CA ALA A 317 15.18 0.18 12.41
C ALA A 317 14.56 1.53 12.02
N TYR A 318 13.27 1.68 12.33
CA TYR A 318 12.54 2.87 11.92
C TYR A 318 13.16 4.12 12.56
N MET A 319 13.48 4.04 13.84
CA MET A 319 13.99 5.19 14.57
C MET A 319 15.29 5.69 13.91
N HIS A 320 16.10 4.76 13.38
CA HIS A 320 17.30 5.12 12.66
C HIS A 320 16.98 5.61 11.26
N ILE A 321 16.09 4.90 10.56
CA ILE A 321 15.76 5.30 9.20
C ILE A 321 15.29 6.76 9.19
N THR A 322 14.40 7.13 10.11
CA THR A 322 13.81 8.45 10.09
C THR A 322 14.88 9.53 10.34
N SER A 323 15.86 9.26 11.20
CA SER A 323 16.92 10.21 11.53
CA SER A 323 16.93 10.19 11.54
C SER A 323 17.81 10.47 10.31
N VAL A 324 18.11 9.43 9.54
CA VAL A 324 18.89 9.54 8.31
C VAL A 324 18.09 10.28 7.23
N LEU A 325 16.81 9.94 7.07
CA LEU A 325 16.00 10.58 6.05
C LEU A 325 15.86 12.06 6.38
N LYS A 326 15.78 12.40 7.68
CA LYS A 326 15.61 13.80 8.06
C LYS A 326 16.84 14.61 7.62
N ILE A 327 18.01 14.06 7.88
CA ILE A 327 19.27 14.71 7.54
C ILE A 327 19.32 14.92 6.02
N PHE A 328 19.28 13.80 5.27
CA PHE A 328 19.47 13.78 3.83
C PHE A 328 18.22 14.22 3.06
N GLN A 329 17.14 14.63 3.75
CA GLN A 329 15.93 15.23 3.16
C GLN A 329 15.04 14.21 2.43
N GLY A 330 14.79 13.05 3.04
CA GLY A 330 14.04 11.97 2.40
C GLY A 330 12.70 11.75 3.09
N GLN A 331 11.80 11.00 2.43
CA GLN A 331 10.48 10.70 2.95
C GLN A 331 10.22 9.20 2.83
N ILE A 332 9.53 8.63 3.83
CA ILE A 332 8.93 7.32 3.71
C ILE A 332 7.59 7.53 3.03
N ASN A 333 7.41 6.99 1.81
CA ASN A 333 6.15 7.08 1.09
C ASN A 333 5.21 5.93 1.51
N LYS A 334 5.77 4.73 1.67
CA LYS A 334 5.00 3.55 2.04
C LYS A 334 5.88 2.60 2.86
N VAL A 335 5.19 1.79 3.68
CA VAL A 335 5.80 0.63 4.31
C VAL A 335 4.91 -0.57 3.98
N PHE A 336 5.56 -1.69 3.68
CA PHE A 336 4.92 -2.94 3.26
C PHE A 336 5.59 -4.09 3.98
N MET A 337 4.92 -5.25 4.05
CA MET A 337 5.54 -6.45 4.57
C MET A 337 4.91 -7.70 3.94
N PHE A 338 5.79 -8.50 3.33
CA PHE A 338 5.48 -9.71 2.56
C PHE A 338 6.82 -10.42 2.30
N ASP A 339 6.80 -11.73 2.05
CA ASP A 339 8.00 -12.49 1.74
C ASP A 339 9.01 -12.36 2.89
N LYS A 340 8.51 -12.38 4.13
CA LYS A 340 9.30 -12.30 5.35
C LYS A 340 10.08 -10.98 5.46
N GLY A 341 9.76 -9.98 4.63
CA GLY A 341 10.51 -8.72 4.57
C GLY A 341 9.64 -7.49 4.81
N CYS A 342 10.07 -6.63 5.74
CA CYS A 342 9.49 -5.31 5.92
C CYS A 342 10.27 -4.28 5.10
N SER A 343 9.57 -3.68 4.13
CA SER A 343 10.20 -2.80 3.15
CA SER A 343 10.22 -2.80 3.17
C SER A 343 9.74 -1.37 3.38
N PHE A 344 10.65 -0.42 3.14
CA PHE A 344 10.32 0.99 3.25
C PHE A 344 10.56 1.66 1.91
N LEU A 345 9.51 2.25 1.35
CA LEU A 345 9.65 2.93 0.07
C LEU A 345 10.00 4.37 0.40
N CYS A 346 11.29 4.68 0.25
CA CYS A 346 11.78 6.01 0.60
C CYS A 346 12.03 6.78 -0.69
N VAL A 347 11.84 8.10 -0.60
CA VAL A 347 11.87 8.96 -1.77
C VAL A 347 12.66 10.22 -1.45
N PHE A 348 13.62 10.54 -2.33
CA PHE A 348 14.40 11.77 -2.31
C PHE A 348 14.04 12.57 -3.55
N GLY A 349 13.84 13.89 -3.39
CA GLY A 349 13.16 14.73 -4.37
C GLY A 349 11.72 15.07 -3.96
N PHE A 350 10.83 15.37 -4.92
CA PHE A 350 9.38 15.44 -4.71
C PHE A 350 9.05 16.52 -3.66
N PRO A 351 7.75 16.75 -3.26
CA PRO A 351 7.35 17.92 -2.46
C PRO A 351 8.42 18.60 -1.60
N GLY A 352 9.12 19.57 -2.21
CA GLY A 352 9.87 20.59 -1.49
C GLY A 352 11.23 20.15 -0.97
N GLU A 353 11.62 18.88 -1.20
CA GLU A 353 12.86 18.33 -0.67
C GLU A 353 13.92 18.24 -1.79
N LYS A 354 13.76 19.03 -2.86
CA LYS A 354 14.52 18.89 -4.09
C LYS A 354 15.86 19.61 -3.98
N VAL A 355 16.85 18.93 -3.38
CA VAL A 355 18.17 19.49 -3.06
C VAL A 355 19.23 18.78 -3.91
N PRO A 356 20.24 19.47 -4.48
CA PRO A 356 21.26 18.83 -5.32
C PRO A 356 22.22 17.90 -4.55
N ASP A 357 22.84 16.97 -5.29
CA ASP A 357 23.52 15.78 -4.79
C ASP A 357 22.50 14.81 -4.20
N GLU A 358 21.25 14.95 -4.65
CA GLU A 358 20.21 14.00 -4.31
C GLU A 358 20.82 12.59 -4.37
N LEU A 359 21.77 12.36 -5.31
CA LEU A 359 22.26 11.04 -5.72
C LEU A 359 23.37 10.54 -4.79
N THR A 360 24.44 11.31 -4.61
CA THR A 360 25.48 10.97 -3.65
C THR A 360 24.87 10.76 -2.27
N HIS A 361 23.91 11.62 -1.91
CA HIS A 361 23.27 11.59 -0.62
C HIS A 361 22.35 10.39 -0.48
N ALA A 362 21.62 10.05 -1.54
CA ALA A 362 20.76 8.87 -1.53
C ALA A 362 21.62 7.64 -1.26
N LEU A 363 22.78 7.56 -1.94
CA LEU A 363 23.69 6.44 -1.80
C LEU A 363 24.23 6.35 -0.38
N GLU A 364 24.68 7.48 0.19
CA GLU A 364 25.25 7.50 1.52
C GLU A 364 24.18 7.23 2.57
N CYS A 365 22.98 7.81 2.39
CA CYS A 365 21.85 7.50 3.25
C CYS A 365 21.59 6.00 3.26
N ALA A 366 21.58 5.40 2.06
CA ALA A 366 21.31 3.98 1.93
C ALA A 366 22.37 3.18 2.70
N MET A 367 23.66 3.56 2.57
CA MET A 367 24.73 2.79 3.22
C MET A 367 24.61 2.96 4.73
N ASP A 368 24.27 4.16 5.18
CA ASP A 368 24.12 4.41 6.59
C ASP A 368 23.02 3.47 7.14
N ILE A 369 21.85 3.50 6.50
CA ILE A 369 20.72 2.64 6.87
C ILE A 369 21.12 1.18 6.85
N PHE A 370 21.78 0.73 5.79
CA PHE A 370 22.25 -0.64 5.67
C PHE A 370 23.15 -1.04 6.86
N ASP A 371 24.13 -0.18 7.21
CA ASP A 371 25.11 -0.50 8.24
C ASP A 371 24.42 -0.56 9.61
N PHE A 372 23.53 0.40 9.85
CA PHE A 372 22.84 0.42 11.13
C PHE A 372 21.89 -0.76 11.24
N CYS A 373 21.05 -0.98 10.23
CA CYS A 373 19.98 -1.97 10.36
C CYS A 373 20.56 -3.38 10.44
N SER A 374 21.73 -3.59 9.83
CA SER A 374 22.40 -4.89 9.87
C SER A 374 22.72 -5.31 11.31
N GLN A 375 22.86 -4.33 12.21
CA GLN A 375 23.23 -4.58 13.59
C GLN A 375 22.01 -4.72 14.49
N VAL A 376 20.79 -4.55 13.95
CA VAL A 376 19.58 -4.64 14.76
C VAL A 376 19.28 -6.12 15.04
N HIS A 377 18.98 -6.40 16.31
CA HIS A 377 18.62 -7.71 16.80
C HIS A 377 17.42 -8.20 16.01
N LYS A 378 17.54 -9.43 15.49
CA LYS A 378 16.48 -10.16 14.84
C LYS A 378 16.40 -9.84 13.34
N ILE A 379 17.14 -8.84 12.85
CA ILE A 379 17.17 -8.56 11.42
C ILE A 379 18.25 -9.42 10.78
N GLN A 380 17.80 -10.40 9.99
CA GLN A 380 18.64 -11.41 9.37
C GLN A 380 19.43 -10.83 8.20
N THR A 381 18.78 -10.02 7.34
CA THR A 381 19.34 -9.49 6.10
C THR A 381 18.76 -8.12 5.80
N VAL A 382 19.62 -7.18 5.37
CA VAL A 382 19.19 -5.88 4.88
C VAL A 382 19.58 -5.82 3.40
N SER A 383 18.63 -5.32 2.59
CA SER A 383 18.84 -5.14 1.16
C SER A 383 18.24 -3.81 0.75
N ILE A 384 18.98 -3.03 -0.06
CA ILE A 384 18.51 -1.71 -0.45
C ILE A 384 18.72 -1.50 -1.94
N GLY A 385 17.62 -1.23 -2.66
CA GLY A 385 17.68 -0.83 -4.06
C GLY A 385 17.52 0.68 -4.23
N VAL A 386 18.34 1.27 -5.12
CA VAL A 386 18.34 2.70 -5.36
C VAL A 386 18.20 2.93 -6.86
N ALA A 387 17.15 3.66 -7.26
CA ALA A 387 16.89 3.97 -8.65
C ALA A 387 16.38 5.41 -8.76
N SER A 388 16.80 6.10 -9.82
CA SER A 388 16.51 7.50 -10.03
C SER A 388 15.94 7.72 -11.41
N GLY A 389 14.85 8.49 -11.45
CA GLY A 389 14.15 8.85 -12.68
C GLY A 389 12.83 9.58 -12.38
N ILE A 390 12.05 9.72 -13.46
CA ILE A 390 10.77 10.41 -13.46
C ILE A 390 9.73 9.45 -12.90
N VAL A 391 9.07 9.88 -11.83
CA VAL A 391 7.96 9.07 -11.33
C VAL A 391 6.72 9.96 -11.19
N PHE A 392 5.56 9.30 -11.30
CA PHE A 392 4.27 9.90 -10.99
C PHE A 392 4.09 9.96 -9.48
N CYS A 393 3.71 11.14 -8.99
CA CYS A 393 3.32 11.35 -7.61
C CYS A 393 1.91 11.92 -7.64
N GLY A 394 1.07 11.51 -6.68
CA GLY A 394 -0.30 11.99 -6.63
C GLY A 394 -1.10 11.29 -5.55
N ILE A 395 -2.22 11.92 -5.18
CA ILE A 395 -3.24 11.31 -4.34
C ILE A 395 -4.11 10.39 -5.20
N VAL A 396 -4.05 9.08 -4.89
CA VAL A 396 -4.69 8.05 -5.67
C VAL A 396 -5.79 7.39 -4.85
N GLY A 397 -6.90 7.11 -5.50
CA GLY A 397 -8.01 6.47 -4.82
C GLY A 397 -9.32 7.20 -5.05
N HIS A 398 -10.23 7.05 -4.09
CA HIS A 398 -11.55 7.66 -4.09
C HIS A 398 -11.49 8.90 -3.19
N THR A 399 -12.38 9.87 -3.44
CA THR A 399 -12.62 11.01 -2.55
C THR A 399 -12.63 10.59 -1.08
N VAL A 400 -13.35 9.51 -0.71
CA VAL A 400 -13.55 9.14 0.69
C VAL A 400 -12.41 8.28 1.22
N ARG A 401 -11.56 7.76 0.33
CA ARG A 401 -10.46 6.86 0.72
C ARG A 401 -9.38 6.89 -0.36
N HIS A 402 -8.28 7.59 -0.05
CA HIS A 402 -7.19 7.81 -0.99
C HIS A 402 -5.87 7.98 -0.24
N GLU A 403 -4.76 7.87 -0.99
CA GLU A 403 -3.44 8.03 -0.41
C GLU A 403 -2.51 8.64 -1.44
N TYR A 404 -1.58 9.44 -0.91
CA TYR A 404 -0.43 9.87 -1.68
C TYR A 404 0.48 8.70 -2.03
N THR A 405 0.75 8.59 -3.33
CA THR A 405 1.37 7.41 -3.90
C THR A 405 2.34 7.81 -5.01
N VAL A 406 3.43 7.07 -5.09
CA VAL A 406 4.44 7.22 -6.13
CA VAL A 406 4.43 7.21 -6.15
C VAL A 406 4.34 5.99 -7.06
N ILE A 407 4.37 6.23 -8.37
CA ILE A 407 4.17 5.19 -9.37
C ILE A 407 5.20 5.35 -10.48
N GLY A 408 5.79 4.24 -10.93
CA GLY A 408 6.68 4.29 -12.09
C GLY A 408 7.68 3.14 -12.11
N GLN A 409 8.37 3.02 -13.24
CA GLN A 409 9.30 1.93 -13.50
C GLN A 409 10.48 1.97 -12.53
N LYS A 410 10.92 3.15 -12.13
CA LYS A 410 12.00 3.27 -11.16
C LYS A 410 11.59 2.77 -9.77
N VAL A 411 10.32 2.93 -9.37
CA VAL A 411 9.80 2.38 -8.13
C VAL A 411 9.86 0.85 -8.20
N ASN A 412 9.40 0.29 -9.33
CA ASN A 412 9.32 -1.15 -9.52
C ASN A 412 10.73 -1.75 -9.60
N LEU A 413 11.66 -1.03 -10.23
CA LEU A 413 13.03 -1.48 -10.38
C LEU A 413 13.72 -1.54 -9.01
N ALA A 414 13.64 -0.43 -8.24
CA ALA A 414 14.19 -0.41 -6.89
C ALA A 414 13.67 -1.60 -6.07
N ALA A 415 12.38 -1.95 -6.23
CA ALA A 415 11.75 -3.04 -5.50
C ALA A 415 12.33 -4.41 -5.89
N ARG A 416 12.51 -4.64 -7.20
CA ARG A 416 13.09 -5.87 -7.70
C ARG A 416 14.56 -5.99 -7.27
N MET A 417 15.27 -4.86 -7.31
CA MET A 417 16.70 -4.83 -6.98
C MET A 417 16.91 -5.31 -5.54
N MET A 418 16.12 -4.82 -4.58
CA MET A 418 16.34 -5.23 -3.20
C MET A 418 15.99 -6.71 -3.04
N MET A 419 15.13 -7.25 -3.92
CA MET A 419 14.70 -8.64 -3.83
C MET A 419 15.71 -9.59 -4.47
N TYR A 420 16.19 -9.23 -5.65
CA TYR A 420 17.04 -10.09 -6.44
C TYR A 420 18.52 -9.92 -6.10
N TYR A 421 18.88 -8.85 -5.38
CA TYR A 421 20.26 -8.66 -4.94
C TYR A 421 20.25 -8.43 -3.43
N PRO A 422 19.94 -9.49 -2.65
CA PRO A 422 19.85 -9.38 -1.20
C PRO A 422 21.20 -9.17 -0.52
N GLY A 423 21.19 -8.54 0.65
CA GLY A 423 22.36 -8.39 1.49
C GLY A 423 23.27 -7.22 1.11
N ILE A 424 22.88 -6.43 0.10
CA ILE A 424 23.73 -5.35 -0.41
C ILE A 424 22.89 -4.13 -0.77
N VAL A 425 23.60 -3.01 -0.97
CA VAL A 425 23.07 -1.78 -1.54
C VAL A 425 23.36 -1.81 -3.05
N THR A 426 22.30 -1.75 -3.87
CA THR A 426 22.43 -1.69 -5.32
C THR A 426 21.88 -0.37 -5.85
N CYS A 427 22.42 0.08 -6.99
CA CYS A 427 21.92 1.26 -7.66
C CYS A 427 21.89 1.07 -9.18
N ASP A 428 21.07 1.88 -9.87
CA ASP A 428 20.89 1.83 -11.31
C ASP A 428 21.95 2.69 -11.99
N SER A 429 21.95 2.71 -13.34
CA SER A 429 22.92 3.48 -14.11
C SER A 429 22.79 4.98 -13.87
N VAL A 430 21.55 5.50 -13.83
CA VAL A 430 21.33 6.92 -13.65
C VAL A 430 22.02 7.38 -12.36
N THR A 431 21.78 6.64 -11.27
CA THR A 431 22.39 6.98 -9.99
C THR A 431 23.92 6.86 -10.07
N TYR A 432 24.41 5.74 -10.60
CA TYR A 432 25.83 5.50 -10.72
C TYR A 432 26.48 6.68 -11.47
N ASN A 433 26.01 6.90 -12.71
CA ASN A 433 26.65 7.83 -13.63
C ASN A 433 26.54 9.25 -13.08
N GLY A 434 25.36 9.57 -12.53
CA GLY A 434 25.08 10.92 -12.05
C GLY A 434 25.72 11.22 -10.70
N SER A 435 26.20 10.18 -9.98
CA SER A 435 26.89 10.39 -8.71
C SER A 435 28.24 11.04 -8.96
N ASN A 436 28.65 11.89 -8.03
CA ASN A 436 29.93 12.58 -8.12
C ASN A 436 30.99 11.69 -7.46
N LEU A 437 31.00 10.39 -7.78
CA LEU A 437 31.75 9.41 -7.01
C LEU A 437 32.69 8.60 -7.90
N PRO A 438 33.92 8.30 -7.41
CA PRO A 438 34.86 7.44 -8.14
C PRO A 438 34.34 6.04 -8.36
N ALA A 439 34.78 5.42 -9.45
CA ALA A 439 34.26 4.14 -9.90
C ALA A 439 34.43 3.04 -8.84
N TYR A 440 35.53 3.08 -8.07
CA TYR A 440 35.87 2.03 -7.11
C TYR A 440 34.97 2.05 -5.86
N PHE A 441 34.08 3.05 -5.76
CA PHE A 441 33.02 3.02 -4.75
C PHE A 441 31.95 1.97 -5.11
N PHE A 442 32.01 1.44 -6.33
CA PHE A 442 30.99 0.55 -6.83
C PHE A 442 31.60 -0.79 -7.26
N LYS A 443 30.67 -1.72 -7.49
CA LYS A 443 30.97 -2.97 -8.17
CA LYS A 443 30.96 -2.99 -8.15
C LYS A 443 29.90 -3.17 -9.24
N GLU A 444 30.36 -3.38 -10.48
CA GLU A 444 29.44 -3.67 -11.57
C GLU A 444 28.92 -5.09 -11.41
N LEU A 445 27.60 -5.26 -11.53
CA LEU A 445 26.98 -6.54 -11.20
C LEU A 445 26.60 -7.36 -12.45
N PRO A 446 26.51 -8.69 -12.33
CA PRO A 446 25.87 -9.54 -13.32
C PRO A 446 24.40 -9.15 -13.54
N LYS A 447 23.98 -9.15 -14.81
CA LYS A 447 22.61 -8.88 -15.21
C LYS A 447 21.74 -10.07 -14.79
N LYS A 448 20.67 -9.81 -14.02
CA LYS A 448 19.68 -10.83 -13.70
C LYS A 448 18.38 -10.52 -14.42
N VAL A 449 17.59 -11.58 -14.69
CA VAL A 449 16.24 -11.43 -15.20
C VAL A 449 15.30 -11.37 -13.98
N MET A 450 14.61 -10.23 -13.84
CA MET A 450 13.82 -9.92 -12.65
C MET A 450 12.34 -9.86 -13.05
N LYS A 451 11.49 -10.61 -12.32
CA LYS A 451 10.08 -10.79 -12.66
C LYS A 451 9.37 -9.43 -12.65
N GLY A 452 9.01 -8.94 -13.85
CA GLY A 452 8.22 -7.72 -14.00
C GLY A 452 9.08 -6.49 -14.25
N VAL A 453 10.24 -6.68 -14.91
CA VAL A 453 11.12 -5.60 -15.31
C VAL A 453 11.81 -6.02 -16.61
N ALA A 454 11.85 -5.10 -17.57
CA ALA A 454 12.49 -5.36 -18.86
C ALA A 454 13.56 -4.29 -19.12
N ASP A 455 14.78 -4.76 -19.43
CA ASP A 455 15.92 -3.91 -19.73
C ASP A 455 16.13 -2.89 -18.61
N SER A 456 16.78 -3.35 -17.51
CA SER A 456 17.03 -2.54 -16.34
C SER A 456 18.27 -1.65 -16.50
N GLY A 457 19.00 -1.80 -17.62
CA GLY A 457 20.31 -1.18 -17.79
C GLY A 457 21.35 -1.80 -16.86
N PRO A 458 22.64 -1.38 -16.91
CA PRO A 458 23.64 -1.89 -15.97
C PRO A 458 23.28 -1.51 -14.53
N LEU A 459 23.41 -2.50 -13.62
CA LEU A 459 23.21 -2.32 -12.19
C LEU A 459 24.55 -2.47 -11.49
N TYR A 460 24.65 -1.76 -10.35
CA TYR A 460 25.88 -1.67 -9.59
C TYR A 460 25.60 -1.94 -8.12
N GLN A 461 26.61 -2.46 -7.41
CA GLN A 461 26.63 -2.45 -5.97
C GLN A 461 27.35 -1.19 -5.53
N TYR A 462 26.77 -0.50 -4.52
CA TYR A 462 27.46 0.54 -3.80
C TYR A 462 28.32 -0.13 -2.72
N TRP A 463 29.62 -0.24 -3.03
CA TRP A 463 30.59 -0.92 -2.20
C TRP A 463 30.90 -0.05 -1.00
N GLY A 464 31.03 1.27 -1.22
CA GLY A 464 31.33 2.19 -0.15
C GLY A 464 32.71 2.82 -0.38
N ARG A 465 33.15 3.64 0.58
CA ARG A 465 34.34 4.45 0.45
C ARG A 465 35.62 3.61 0.54
N THR A 466 35.58 2.42 1.19
CA THR A 466 36.79 1.63 1.45
C THR A 466 36.61 0.19 0.98
N GLU A 467 37.73 -0.49 0.65
CA GLU A 467 37.71 -1.92 0.39
C GLU A 467 37.14 -2.67 1.56
N LYS A 468 37.57 -2.24 2.77
CA LYS A 468 37.21 -2.74 4.09
C LYS A 468 38.27 -3.77 4.54
#